data_2C9K
#
_entry.id   2C9K
#
_cell.length_a   91.199
_cell.length_b   202.069
_cell.length_c   98.726
_cell.angle_alpha   90.00
_cell.angle_beta   90.00
_cell.angle_gamma   90.00
#
_symmetry.space_group_name_H-M   'C 2 2 21'
#
loop_
_entity.id
_entity.type
_entity.pdbx_description
1 polymer 'PESTICIDAL CRYSTAL PROTEIN CRY4AA'
2 non-polymer (4S)-2-METHYL-2,4-PENTANEDIOL
3 water water
#
_entity_poly.entity_id   1
_entity_poly.type   'polypeptide(L)'
_entity_poly.pdbx_seq_one_letter_code
;GELSAYTIVVGTVLTGFGFTTPLGLALIGFGTLIPVLFPAQDQSNTWSDFITQTKNIIKKEIASTYISNANKILNRSFNV
ISTYHNHLKTWENNPNPQNTQDVRTQIQLVHYHFQNVIPELVNSCPPNPSDCDYYNILVLSSYAQAANLHLTVLNQAVKF
EAYLKNNRQFDYLEPLPTAIDYYPVLTKAIEDYTNYCVTTYKKGLNLIKTTPDSNLDGNINWNTYNTYRTKMTTAVLDLV
ALFPNYDVGKYPIGVQSELTREIYQVLNFEESPYKYYDFQYQEDSLTRRPHLFTWLDSLNFYEKAQTTPNNFFTSHYNMF
HYTLDNISQKSSVFGNHNVTDKLKSLGLATNIYIFLLNVISLDNKYLNDYNNISKMDFFITNGTRLLEKELTAGSGQITY
DVNKNIFGLPILKRREEQGNPTLFPTYDNYSHILSFIKSLSIPATYKTQVYTFAWTHSSVDPKNTIYTHLTTQIPAVKAN
SLGTASKVVQGPGHTGGDLIDFKDHFKITCQHSNFQQSYFIRIRYASNGSANTRAVINLSIPGVAELGMALNPTFSGTDY
TNLKYKDFQYLEFSNEVKFAPNQNISLVFNRSDVYTNTTVLIDKIEFLPITR
;
_entity_poly.pdbx_strand_id   A
#
# COMPACT_ATOMS: atom_id res chain seq x y z
N GLY A 1 -7.99 -10.70 -3.47
CA GLY A 1 -8.31 -12.02 -4.09
C GLY A 1 -7.98 -13.16 -3.15
N GLU A 2 -7.61 -14.32 -3.68
CA GLU A 2 -7.27 -15.46 -2.85
C GLU A 2 -5.80 -15.87 -3.09
N LEU A 3 -4.91 -15.26 -2.33
CA LEU A 3 -3.48 -15.53 -2.42
C LEU A 3 -2.79 -14.61 -1.40
N SER A 4 -2.46 -15.17 -0.24
CA SER A 4 -1.85 -14.42 0.85
C SER A 4 -0.38 -14.04 0.77
N ALA A 5 0.36 -14.60 -0.17
CA ALA A 5 1.77 -14.27 -0.27
C ALA A 5 1.96 -12.77 -0.47
N TYR A 6 1.18 -12.18 -1.37
CA TYR A 6 1.24 -10.75 -1.65
C TYR A 6 1.29 -9.96 -0.35
N THR A 7 0.25 -10.12 0.47
CA THR A 7 0.17 -9.41 1.73
C THR A 7 1.16 -9.89 2.81
N ILE A 8 1.62 -11.14 2.73
CA ILE A 8 2.59 -11.63 3.72
C ILE A 8 4.01 -11.14 3.41
N VAL A 9 4.41 -11.27 2.15
CA VAL A 9 5.72 -10.82 1.75
C VAL A 9 5.87 -9.34 2.10
N VAL A 10 4.79 -8.59 1.94
CA VAL A 10 4.83 -7.16 2.23
C VAL A 10 4.90 -6.95 3.73
N GLY A 11 4.19 -7.80 4.47
CA GLY A 11 4.18 -7.69 5.92
C GLY A 11 5.54 -7.96 6.53
N THR A 12 6.29 -8.89 5.95
CA THR A 12 7.61 -9.24 6.45
C THR A 12 8.65 -8.15 6.24
N VAL A 13 8.58 -7.48 5.10
CA VAL A 13 9.51 -6.40 4.79
C VAL A 13 9.33 -5.22 5.76
N LEU A 14 8.08 -4.81 5.99
CA LEU A 14 7.79 -3.72 6.92
C LEU A 14 8.42 -4.04 8.27
N THR A 15 8.16 -5.25 8.75
CA THR A 15 8.69 -5.73 10.02
C THR A 15 10.21 -5.86 9.94
N GLY A 16 10.71 -6.21 8.77
CA GLY A 16 12.12 -6.39 8.59
C GLY A 16 13.02 -5.19 8.73
N PHE A 17 12.53 -4.01 8.36
CA PHE A 17 13.35 -2.80 8.46
C PHE A 17 13.47 -2.30 9.90
N GLY A 18 12.98 -3.11 10.82
CA GLY A 18 13.01 -2.78 12.24
C GLY A 18 14.39 -2.54 12.85
N PHE A 19 15.40 -3.30 12.46
CA PHE A 19 16.73 -3.09 13.05
C PHE A 19 17.81 -2.70 12.03
N THR A 20 19.02 -3.20 12.25
CA THR A 20 20.18 -2.95 11.39
C THR A 20 21.32 -3.86 11.85
N THR A 21 21.61 -4.89 11.06
CA THR A 21 22.64 -5.85 11.43
C THR A 21 23.48 -6.43 10.28
N PRO A 22 24.67 -6.98 10.59
CA PRO A 22 25.61 -7.59 9.64
C PRO A 22 25.00 -8.65 8.72
N LEU A 23 23.80 -9.13 9.05
CA LEU A 23 23.15 -10.14 8.23
C LEU A 23 21.88 -9.58 7.61
N GLY A 24 21.64 -8.30 7.83
CA GLY A 24 20.47 -7.63 7.29
C GLY A 24 19.17 -8.40 7.42
N LEU A 25 18.21 -8.05 6.56
CA LEU A 25 16.89 -8.69 6.55
C LEU A 25 16.94 -10.08 5.91
N ALA A 26 18.15 -10.59 5.69
CA ALA A 26 18.33 -11.91 5.09
C ALA A 26 18.07 -13.07 6.05
N LEU A 27 18.96 -13.23 7.03
CA LEU A 27 18.86 -14.30 8.02
C LEU A 27 17.45 -14.56 8.57
N ILE A 28 16.69 -13.51 8.80
CA ILE A 28 15.35 -13.63 9.35
C ILE A 28 14.25 -13.49 8.30
N GLY A 29 14.29 -12.38 7.56
CA GLY A 29 13.30 -12.16 6.53
C GLY A 29 13.24 -13.34 5.57
N PHE A 30 14.38 -13.96 5.32
CA PHE A 30 14.43 -15.11 4.45
C PHE A 30 13.76 -16.30 5.10
N GLY A 31 13.90 -16.41 6.42
CA GLY A 31 13.28 -17.51 7.15
C GLY A 31 11.80 -17.58 6.84
N THR A 32 11.24 -16.46 6.40
CA THR A 32 9.83 -16.38 6.07
C THR A 32 9.60 -16.37 4.57
N LEU A 33 10.33 -15.53 3.87
CA LEU A 33 10.18 -15.42 2.42
C LEU A 33 10.36 -16.74 1.66
N ILE A 34 11.42 -17.49 1.94
CA ILE A 34 11.65 -18.75 1.24
C ILE A 34 10.48 -19.73 1.36
N PRO A 35 9.99 -19.98 2.59
CA PRO A 35 8.87 -20.89 2.79
C PRO A 35 7.57 -20.39 2.13
N VAL A 36 7.42 -19.08 2.08
CA VAL A 36 6.24 -18.46 1.48
C VAL A 36 6.29 -18.44 -0.04
N LEU A 37 7.49 -18.28 -0.59
CA LEU A 37 7.68 -18.23 -2.03
C LEU A 37 8.12 -19.57 -2.65
N PHE A 38 8.52 -20.52 -1.81
CA PHE A 38 8.94 -21.83 -2.30
C PHE A 38 8.54 -22.95 -1.35
N PRO A 39 7.22 -23.22 -1.22
CA PRO A 39 6.71 -24.28 -0.35
C PRO A 39 7.04 -25.71 -0.83
N ALA A 40 7.31 -25.85 -2.12
CA ALA A 40 7.67 -27.14 -2.70
C ALA A 40 9.03 -26.99 -3.38
N GLN A 41 9.91 -26.25 -2.72
CA GLN A 41 11.27 -26.00 -3.19
C GLN A 41 11.34 -25.47 -4.62
N ASP A 42 12.34 -25.91 -5.38
CA ASP A 42 12.51 -25.44 -6.74
C ASP A 42 11.54 -26.11 -7.72
N GLN A 43 10.42 -26.58 -7.20
CA GLN A 43 9.41 -27.22 -8.03
C GLN A 43 8.01 -26.77 -7.57
N SER A 44 7.94 -25.52 -7.15
CA SER A 44 6.69 -24.92 -6.69
C SER A 44 5.91 -24.37 -7.87
N ASN A 45 4.71 -23.87 -7.59
CA ASN A 45 3.86 -23.29 -8.62
C ASN A 45 3.44 -21.87 -8.23
N THR A 46 4.25 -21.26 -7.37
CA THR A 46 3.97 -19.90 -6.90
C THR A 46 3.89 -18.90 -8.06
N TRP A 47 4.90 -18.91 -8.93
CA TRP A 47 4.93 -18.00 -10.08
C TRP A 47 3.80 -18.29 -11.07
N SER A 48 3.43 -19.56 -11.21
CA SER A 48 2.34 -19.92 -12.10
C SER A 48 1.08 -19.29 -11.53
N ASP A 49 0.84 -19.52 -10.25
CA ASP A 49 -0.33 -18.96 -9.59
C ASP A 49 -0.35 -17.44 -9.75
N PHE A 50 0.80 -16.81 -9.56
CA PHE A 50 0.88 -15.36 -9.70
C PHE A 50 0.53 -14.96 -11.12
N ILE A 51 1.09 -15.65 -12.10
CA ILE A 51 0.83 -15.34 -13.51
C ILE A 51 -0.59 -15.71 -13.94
N THR A 52 -1.04 -16.90 -13.58
CA THR A 52 -2.36 -17.34 -13.94
C THR A 52 -3.42 -16.39 -13.38
N GLN A 53 -3.26 -16.02 -12.12
CA GLN A 53 -4.23 -15.13 -11.48
C GLN A 53 -4.28 -13.77 -12.18
N THR A 54 -3.13 -13.23 -12.53
CA THR A 54 -3.11 -11.95 -13.22
C THR A 54 -3.81 -12.08 -14.57
N LYS A 55 -3.43 -13.12 -15.31
CA LYS A 55 -3.99 -13.41 -16.64
C LYS A 55 -5.49 -13.67 -16.57
N ASN A 56 -5.96 -14.14 -15.42
CA ASN A 56 -7.38 -14.41 -15.25
C ASN A 56 -8.19 -13.14 -15.10
N ILE A 57 -7.54 -12.06 -14.69
CA ILE A 57 -8.25 -10.80 -14.54
C ILE A 57 -8.22 -9.99 -15.84
N ILE A 58 -7.10 -10.07 -16.56
CA ILE A 58 -6.97 -9.34 -17.82
C ILE A 58 -7.63 -10.14 -18.95
N LYS A 59 -7.84 -11.42 -18.68
CA LYS A 59 -8.48 -12.34 -19.61
C LYS A 59 -8.00 -12.29 -21.07
N LYS A 60 -6.70 -12.14 -21.25
CA LYS A 60 -6.11 -12.13 -22.60
C LYS A 60 -5.31 -13.42 -22.66
N GLU A 61 -4.89 -13.84 -23.85
CA GLU A 61 -4.18 -15.11 -23.91
C GLU A 61 -2.81 -15.22 -24.59
N ILE A 62 -2.07 -16.21 -24.11
CA ILE A 62 -0.74 -16.57 -24.61
C ILE A 62 -0.51 -18.04 -24.24
N ALA A 63 0.35 -18.71 -25.01
CA ALA A 63 0.65 -20.11 -24.78
C ALA A 63 1.14 -20.35 -23.36
N SER A 64 0.54 -21.32 -22.69
CA SER A 64 0.91 -21.64 -21.32
C SER A 64 2.38 -22.05 -21.17
N THR A 65 3.07 -22.24 -22.29
CA THR A 65 4.48 -22.61 -22.25
C THR A 65 5.29 -21.44 -21.71
N TYR A 66 4.79 -20.22 -21.92
CA TYR A 66 5.45 -19.02 -21.45
C TYR A 66 5.33 -18.91 -19.94
N ILE A 67 4.21 -19.38 -19.41
CA ILE A 67 3.95 -19.33 -17.98
C ILE A 67 4.82 -20.33 -17.23
N SER A 68 4.84 -21.57 -17.70
CA SER A 68 5.64 -22.60 -17.06
C SER A 68 7.14 -22.31 -17.23
N ASN A 69 7.50 -21.62 -18.29
CA ASN A 69 8.89 -21.31 -18.50
C ASN A 69 9.30 -20.30 -17.43
N ALA A 70 8.44 -19.31 -17.23
CA ALA A 70 8.70 -18.28 -16.24
C ALA A 70 8.80 -18.94 -14.86
N ASN A 71 7.91 -19.88 -14.59
CA ASN A 71 7.89 -20.57 -13.31
C ASN A 71 9.15 -21.43 -13.09
N LYS A 72 9.67 -21.94 -14.20
CA LYS A 72 10.85 -22.79 -14.21
C LYS A 72 12.11 -21.95 -13.96
N ILE A 73 12.12 -20.74 -14.50
CA ILE A 73 13.25 -19.82 -14.38
C ILE A 73 13.41 -19.17 -13.02
N LEU A 74 12.30 -18.66 -12.46
CA LEU A 74 12.35 -18.01 -11.16
C LEU A 74 12.41 -18.98 -9.99
N ASN A 75 12.20 -20.26 -10.27
CA ASN A 75 12.26 -21.29 -9.24
C ASN A 75 13.72 -21.73 -9.02
N ARG A 76 14.65 -21.00 -9.63
CA ARG A 76 16.07 -21.30 -9.49
C ARG A 76 16.57 -20.54 -8.28
N SER A 77 15.96 -19.39 -8.02
CA SER A 77 16.36 -18.57 -6.89
C SER A 77 16.30 -19.37 -5.60
N PHE A 78 15.47 -20.40 -5.56
CA PHE A 78 15.36 -21.21 -4.35
C PHE A 78 16.71 -21.73 -3.88
N ASN A 79 17.39 -22.46 -4.74
CA ASN A 79 18.70 -23.00 -4.39
C ASN A 79 19.74 -21.92 -4.17
N VAL A 80 19.72 -20.89 -5.01
CA VAL A 80 20.70 -19.81 -4.87
C VAL A 80 20.46 -19.00 -3.60
N ILE A 81 19.21 -18.97 -3.13
CA ILE A 81 18.89 -18.24 -1.90
C ILE A 81 19.11 -19.14 -0.68
N SER A 82 18.79 -20.42 -0.82
CA SER A 82 18.95 -21.38 0.27
C SER A 82 20.40 -21.52 0.72
N THR A 83 21.30 -21.68 -0.24
CA THR A 83 22.73 -21.82 0.05
C THR A 83 23.24 -20.54 0.72
N TYR A 84 22.90 -19.40 0.13
CA TYR A 84 23.30 -18.12 0.68
C TYR A 84 22.79 -17.98 2.11
N HIS A 85 21.52 -18.33 2.30
CA HIS A 85 20.89 -18.24 3.61
C HIS A 85 21.61 -19.08 4.66
N ASN A 86 22.07 -20.27 4.26
CA ASN A 86 22.76 -21.15 5.20
C ASN A 86 24.12 -20.60 5.61
N HIS A 87 24.98 -20.30 4.64
CA HIS A 87 26.30 -19.76 4.94
C HIS A 87 26.22 -18.54 5.84
N LEU A 88 25.12 -17.80 5.71
CA LEU A 88 24.91 -16.61 6.51
C LEU A 88 24.61 -17.06 7.93
N LYS A 89 23.60 -17.92 8.05
CA LYS A 89 23.20 -18.47 9.35
C LYS A 89 24.41 -19.19 9.93
N THR A 90 25.17 -19.85 9.06
CA THR A 90 26.37 -20.58 9.44
C THR A 90 27.45 -19.60 9.84
N TRP A 91 27.26 -18.32 9.50
CA TRP A 91 28.24 -17.29 9.82
C TRP A 91 28.03 -16.64 11.19
N GLU A 92 26.78 -16.59 11.65
CA GLU A 92 26.51 -15.96 12.94
C GLU A 92 26.79 -16.84 14.15
N ASN A 93 25.74 -17.33 14.81
CA ASN A 93 25.92 -18.16 15.99
C ASN A 93 27.06 -19.18 15.89
N ASN A 94 27.34 -19.67 14.69
CA ASN A 94 28.43 -20.62 14.50
C ASN A 94 29.70 -19.80 14.71
N PRO A 95 30.84 -20.45 14.97
CA PRO A 95 32.08 -19.69 15.19
C PRO A 95 32.26 -18.53 14.20
N ASN A 96 33.09 -17.56 14.58
CA ASN A 96 33.35 -16.40 13.73
C ASN A 96 34.81 -16.34 13.26
N PRO A 97 35.31 -17.43 12.63
CA PRO A 97 36.69 -17.46 12.15
C PRO A 97 36.91 -16.52 10.96
N GLN A 98 37.13 -17.12 9.78
CA GLN A 98 37.36 -16.37 8.56
C GLN A 98 36.98 -17.15 7.30
N ASN A 99 36.83 -18.46 7.40
CA ASN A 99 36.48 -19.26 6.23
C ASN A 99 34.97 -19.19 6.00
N THR A 100 34.20 -19.65 6.97
CA THR A 100 32.74 -19.61 6.85
C THR A 100 32.35 -18.13 6.95
N GLN A 101 33.36 -17.28 7.05
CA GLN A 101 33.20 -15.84 7.14
C GLN A 101 33.36 -15.30 5.74
N ASP A 102 33.80 -16.17 4.83
CA ASP A 102 33.98 -15.79 3.45
C ASP A 102 32.64 -15.85 2.73
N VAL A 103 31.64 -15.20 3.33
CA VAL A 103 30.29 -15.13 2.80
C VAL A 103 30.31 -14.25 1.55
N ARG A 104 31.33 -13.40 1.47
CA ARG A 104 31.49 -12.50 0.35
C ARG A 104 31.47 -13.19 -1.01
N THR A 105 31.81 -14.48 -1.03
CA THR A 105 31.81 -15.23 -2.29
C THR A 105 30.37 -15.66 -2.59
N GLN A 106 29.64 -16.04 -1.54
CA GLN A 106 28.25 -16.48 -1.66
C GLN A 106 27.37 -15.30 -2.09
N ILE A 107 27.69 -14.11 -1.59
CA ILE A 107 26.95 -12.91 -1.95
C ILE A 107 27.15 -12.70 -3.46
N GLN A 108 28.36 -12.98 -3.94
CA GLN A 108 28.69 -12.83 -5.35
C GLN A 108 27.81 -13.68 -6.25
N LEU A 109 27.50 -14.90 -5.81
CA LEU A 109 26.66 -15.79 -6.59
C LEU A 109 25.21 -15.32 -6.63
N VAL A 110 24.69 -14.91 -5.48
CA VAL A 110 23.32 -14.43 -5.42
C VAL A 110 23.20 -13.17 -6.27
N HIS A 111 24.24 -12.35 -6.31
CA HIS A 111 24.16 -11.14 -7.12
C HIS A 111 24.27 -11.49 -8.60
N TYR A 112 24.94 -12.59 -8.91
CA TYR A 112 25.11 -13.04 -10.29
C TYR A 112 23.83 -13.71 -10.76
N HIS A 113 23.20 -14.47 -9.88
CA HIS A 113 21.96 -15.16 -10.21
C HIS A 113 20.85 -14.19 -10.59
N PHE A 114 20.82 -13.03 -9.93
CA PHE A 114 19.78 -12.04 -10.20
C PHE A 114 20.06 -11.08 -11.34
N GLN A 115 21.32 -10.96 -11.75
CA GLN A 115 21.64 -10.09 -12.88
C GLN A 115 21.22 -10.82 -14.15
N ASN A 116 21.15 -12.14 -14.06
CA ASN A 116 20.78 -12.98 -15.20
C ASN A 116 19.34 -13.47 -15.24
N VAL A 117 18.80 -13.94 -14.11
CA VAL A 117 17.44 -14.47 -14.08
C VAL A 117 16.33 -13.46 -14.33
N ILE A 118 16.55 -12.21 -13.91
CA ILE A 118 15.53 -11.20 -14.13
C ILE A 118 15.49 -10.78 -15.61
N PRO A 119 16.66 -10.52 -16.22
CA PRO A 119 16.58 -10.13 -17.64
C PRO A 119 16.06 -11.32 -18.45
N GLU A 120 16.45 -12.52 -18.03
CA GLU A 120 16.01 -13.74 -18.71
C GLU A 120 14.48 -13.72 -18.72
N LEU A 121 13.91 -13.60 -17.52
CA LEU A 121 12.46 -13.55 -17.34
C LEU A 121 11.80 -12.59 -18.32
N VAL A 122 12.22 -11.34 -18.30
CA VAL A 122 11.65 -10.33 -19.18
C VAL A 122 11.89 -10.56 -20.68
N ASN A 123 13.05 -11.11 -21.05
CA ASN A 123 13.33 -11.30 -22.45
C ASN A 123 12.81 -12.61 -23.04
N SER A 124 12.22 -13.45 -22.20
CA SER A 124 11.66 -14.71 -22.68
C SER A 124 10.18 -14.51 -23.01
N CYS A 125 9.90 -13.48 -23.79
CA CYS A 125 8.52 -13.15 -24.16
C CYS A 125 8.18 -13.48 -25.61
N PRO A 126 6.88 -13.48 -25.95
CA PRO A 126 6.45 -13.77 -27.32
C PRO A 126 7.08 -12.77 -28.29
N PRO A 127 7.33 -13.20 -29.55
CA PRO A 127 7.92 -12.32 -30.56
C PRO A 127 7.21 -10.99 -30.70
N ASN A 128 5.93 -11.05 -31.06
CA ASN A 128 5.08 -9.87 -31.24
C ASN A 128 5.29 -8.83 -30.13
N PRO A 129 5.64 -7.58 -30.51
CA PRO A 129 5.90 -6.48 -29.58
C PRO A 129 4.91 -6.37 -28.42
N SER A 130 3.69 -5.91 -28.71
CA SER A 130 2.66 -5.76 -27.69
C SER A 130 2.39 -7.06 -26.95
N ASP A 131 2.49 -8.18 -27.66
CA ASP A 131 2.25 -9.48 -27.04
C ASP A 131 3.36 -9.75 -26.02
N CYS A 132 4.43 -8.96 -26.10
CA CYS A 132 5.54 -9.10 -25.17
C CYS A 132 5.26 -8.21 -23.97
N ASP A 133 4.57 -7.10 -24.22
CA ASP A 133 4.22 -6.18 -23.15
C ASP A 133 3.21 -6.85 -22.23
N TYR A 134 2.31 -7.63 -22.81
CA TYR A 134 1.28 -8.33 -22.06
C TYR A 134 1.91 -9.43 -21.23
N TYR A 135 2.93 -10.10 -21.78
CA TYR A 135 3.62 -11.17 -21.07
C TYR A 135 4.39 -10.64 -19.85
N ASN A 136 4.95 -9.45 -19.97
CA ASN A 136 5.72 -8.88 -18.87
C ASN A 136 4.87 -8.27 -17.78
N ILE A 137 3.68 -7.79 -18.11
CA ILE A 137 2.84 -7.25 -17.06
C ILE A 137 2.21 -8.45 -16.36
N LEU A 138 2.12 -9.55 -17.10
CA LEU A 138 1.53 -10.79 -16.60
C LEU A 138 2.53 -11.51 -15.70
N VAL A 139 3.80 -11.12 -15.77
CA VAL A 139 4.86 -11.73 -14.97
C VAL A 139 5.37 -10.71 -13.94
N LEU A 140 4.88 -9.48 -14.02
CA LEU A 140 5.30 -8.40 -13.12
C LEU A 140 5.28 -8.78 -11.65
N SER A 141 4.22 -9.43 -11.19
CA SER A 141 4.16 -9.78 -9.77
C SER A 141 5.30 -10.72 -9.38
N SER A 142 5.66 -11.66 -10.25
CA SER A 142 6.77 -12.57 -9.96
C SER A 142 8.07 -11.77 -10.07
N TYR A 143 8.11 -10.85 -11.03
CA TYR A 143 9.26 -10.01 -11.22
C TYR A 143 9.58 -9.32 -9.90
N ALA A 144 8.55 -8.77 -9.28
CA ALA A 144 8.69 -8.05 -8.01
C ALA A 144 9.35 -8.88 -6.94
N GLN A 145 8.83 -10.07 -6.66
CA GLN A 145 9.43 -10.92 -5.63
C GLN A 145 10.91 -11.11 -5.91
N ALA A 146 11.26 -11.36 -7.17
CA ALA A 146 12.64 -11.57 -7.56
C ALA A 146 13.49 -10.33 -7.23
N ALA A 147 13.06 -9.17 -7.72
CA ALA A 147 13.80 -7.92 -7.48
C ALA A 147 13.97 -7.62 -5.98
N ASN A 148 12.94 -7.91 -5.20
CA ASN A 148 13.01 -7.66 -3.76
C ASN A 148 14.07 -8.54 -3.14
N LEU A 149 14.04 -9.84 -3.46
CA LEU A 149 15.05 -10.74 -2.93
C LEU A 149 16.41 -10.16 -3.31
N HIS A 150 16.54 -9.80 -4.59
CA HIS A 150 17.77 -9.22 -5.08
C HIS A 150 18.17 -8.03 -4.21
N LEU A 151 17.26 -7.07 -4.03
CA LEU A 151 17.57 -5.90 -3.22
C LEU A 151 17.96 -6.25 -1.78
N THR A 152 17.41 -7.34 -1.25
CA THR A 152 17.70 -7.76 0.12
C THR A 152 19.11 -8.24 0.35
N VAL A 153 19.66 -9.00 -0.59
CA VAL A 153 21.02 -9.50 -0.43
C VAL A 153 22.00 -8.35 -0.62
N LEU A 154 21.69 -7.43 -1.52
CA LEU A 154 22.58 -6.29 -1.72
C LEU A 154 22.58 -5.39 -0.48
N ASN A 155 21.39 -5.13 0.06
CA ASN A 155 21.27 -4.31 1.26
C ASN A 155 22.07 -4.98 2.35
N GLN A 156 21.99 -6.31 2.37
CA GLN A 156 22.69 -7.10 3.36
C GLN A 156 24.21 -7.03 3.15
N ALA A 157 24.62 -7.20 1.88
CA ALA A 157 26.02 -7.14 1.51
C ALA A 157 26.64 -5.83 1.96
N VAL A 158 25.96 -4.73 1.69
CA VAL A 158 26.45 -3.44 2.09
C VAL A 158 26.65 -3.40 3.60
N LYS A 159 25.65 -3.85 4.34
CA LYS A 159 25.73 -3.87 5.80
C LYS A 159 26.85 -4.78 6.27
N PHE A 160 26.90 -5.98 5.69
CA PHE A 160 27.90 -6.97 6.02
C PHE A 160 29.32 -6.42 5.92
N GLU A 161 29.59 -5.70 4.85
CA GLU A 161 30.91 -5.12 4.62
C GLU A 161 31.25 -3.96 5.55
N ALA A 162 30.31 -3.03 5.73
CA ALA A 162 30.55 -1.88 6.61
C ALA A 162 30.85 -2.35 8.03
N TYR A 163 30.40 -3.56 8.33
CA TYR A 163 30.59 -4.17 9.65
C TYR A 163 32.02 -4.70 9.80
N LEU A 164 32.59 -5.12 8.67
CA LEU A 164 33.95 -5.67 8.66
C LEU A 164 35.05 -4.62 8.64
N LYS A 165 34.69 -3.35 8.46
CA LYS A 165 35.70 -2.29 8.47
C LYS A 165 36.03 -1.92 9.91
N ASN A 166 35.29 -2.52 10.84
CA ASN A 166 35.49 -2.30 12.27
C ASN A 166 36.39 -3.42 12.81
N ASN A 167 36.68 -3.39 14.10
CA ASN A 167 37.53 -4.42 14.70
C ASN A 167 36.74 -5.67 15.04
N THR A 178 37.56 -10.41 -2.39
CA THR A 178 37.65 -8.98 -2.69
C THR A 178 36.59 -8.19 -1.93
N ALA A 179 37.03 -7.20 -1.16
CA ALA A 179 36.13 -6.35 -0.37
C ALA A 179 35.28 -5.49 -1.30
N ILE A 180 34.42 -6.13 -2.08
CA ILE A 180 33.55 -5.44 -3.03
C ILE A 180 32.62 -4.43 -2.35
N ASP A 181 32.30 -3.37 -3.08
CA ASP A 181 31.41 -2.33 -2.59
C ASP A 181 30.13 -2.30 -3.44
N TYR A 182 29.05 -2.86 -2.91
CA TYR A 182 27.79 -2.92 -3.64
C TYR A 182 26.86 -1.72 -3.45
N TYR A 183 27.30 -0.70 -2.72
CA TYR A 183 26.42 0.45 -2.51
C TYR A 183 26.05 1.23 -3.76
N PRO A 184 26.98 1.40 -4.70
CA PRO A 184 26.59 2.14 -5.90
C PRO A 184 25.58 1.32 -6.69
N VAL A 185 25.71 0.00 -6.60
CA VAL A 185 24.83 -0.93 -7.30
C VAL A 185 23.48 -1.10 -6.59
N LEU A 186 23.50 -1.08 -5.25
CA LEU A 186 22.29 -1.22 -4.46
C LEU A 186 21.35 -0.11 -4.85
N THR A 187 21.91 1.08 -4.89
CA THR A 187 21.18 2.27 -5.26
C THR A 187 20.54 2.12 -6.66
N LYS A 188 21.36 1.93 -7.69
CA LYS A 188 20.86 1.78 -9.05
C LYS A 188 19.78 0.71 -9.16
N ALA A 189 19.88 -0.32 -8.33
CA ALA A 189 18.90 -1.41 -8.32
C ALA A 189 17.56 -0.95 -7.74
N ILE A 190 17.63 -0.10 -6.73
CA ILE A 190 16.43 0.45 -6.09
C ILE A 190 15.74 1.35 -7.10
N GLU A 191 16.53 2.12 -7.82
CA GLU A 191 16.00 3.02 -8.82
C GLU A 191 15.41 2.28 -10.01
N ASP A 192 16.18 1.39 -10.62
CA ASP A 192 15.71 0.66 -11.78
C ASP A 192 14.48 -0.19 -11.51
N TYR A 193 14.53 -0.96 -10.44
CA TYR A 193 13.40 -1.82 -10.08
C TYR A 193 12.14 -1.00 -9.81
N THR A 194 12.28 0.11 -9.11
CA THR A 194 11.14 0.96 -8.83
C THR A 194 10.52 1.46 -10.14
N ASN A 195 11.32 2.14 -10.95
CA ASN A 195 10.86 2.67 -12.23
C ASN A 195 10.30 1.62 -13.20
N TYR A 196 10.83 0.41 -13.17
CA TYR A 196 10.36 -0.63 -14.07
C TYR A 196 8.99 -1.14 -13.65
N CYS A 197 8.86 -1.51 -12.37
CA CYS A 197 7.59 -2.02 -11.84
C CYS A 197 6.47 -1.02 -12.06
N VAL A 198 6.74 0.25 -11.76
CA VAL A 198 5.74 1.29 -11.92
C VAL A 198 5.40 1.42 -13.39
N THR A 199 6.42 1.43 -14.24
CA THR A 199 6.20 1.55 -15.68
C THR A 199 5.28 0.41 -16.16
N THR A 200 5.71 -0.81 -15.88
CA THR A 200 4.98 -2.00 -16.28
C THR A 200 3.58 -2.02 -15.69
N TYR A 201 3.48 -1.60 -14.43
CA TYR A 201 2.21 -1.55 -13.73
C TYR A 201 1.24 -0.66 -14.50
N LYS A 202 1.73 0.44 -15.04
CA LYS A 202 0.88 1.35 -15.79
C LYS A 202 0.59 0.84 -17.20
N LYS A 203 1.47 0.00 -17.75
CA LYS A 203 1.23 -0.55 -19.07
C LYS A 203 0.02 -1.45 -18.99
N GLY A 204 -0.13 -2.11 -17.85
CA GLY A 204 -1.25 -3.01 -17.63
C GLY A 204 -2.52 -2.21 -17.42
N LEU A 205 -2.41 -1.17 -16.60
CA LEU A 205 -3.52 -0.29 -16.28
C LEU A 205 -4.04 0.28 -17.60
N ASN A 206 -3.11 0.64 -18.47
CA ASN A 206 -3.46 1.21 -19.77
C ASN A 206 -3.98 0.16 -20.73
N LEU A 207 -3.52 -1.08 -20.57
CA LEU A 207 -3.98 -2.16 -21.43
C LEU A 207 -5.49 -2.30 -21.19
N ILE A 208 -5.86 -2.51 -19.92
CA ILE A 208 -7.25 -2.67 -19.58
C ILE A 208 -8.10 -1.48 -20.00
N LYS A 209 -7.65 -0.28 -19.65
CA LYS A 209 -8.38 0.94 -19.96
C LYS A 209 -8.44 1.23 -21.44
N THR A 210 -7.80 0.38 -22.23
CA THR A 210 -7.75 0.54 -23.67
C THR A 210 -8.49 -0.56 -24.42
N THR A 211 -8.72 -1.69 -23.75
CA THR A 211 -9.39 -2.84 -24.35
C THR A 211 -10.90 -2.93 -24.18
N PRO A 212 -11.67 -2.81 -25.27
CA PRO A 212 -13.12 -2.89 -25.17
C PRO A 212 -13.45 -4.27 -24.62
N ASP A 213 -14.50 -4.38 -23.82
CA ASP A 213 -14.87 -5.66 -23.26
C ASP A 213 -16.07 -6.17 -24.02
N SER A 214 -15.89 -7.28 -24.73
CA SER A 214 -16.97 -7.87 -25.51
C SER A 214 -18.20 -8.02 -24.63
N ASN A 215 -17.99 -8.50 -23.41
CA ASN A 215 -19.09 -8.72 -22.46
C ASN A 215 -19.87 -7.44 -22.17
N LEU A 216 -19.19 -6.29 -22.21
CA LEU A 216 -19.84 -5.01 -21.95
C LEU A 216 -20.25 -4.31 -23.24
N ASP A 217 -20.24 -5.07 -24.34
CA ASP A 217 -20.59 -4.56 -25.66
C ASP A 217 -19.64 -3.48 -26.13
N GLY A 218 -18.40 -3.57 -25.69
CA GLY A 218 -17.38 -2.62 -26.09
C GLY A 218 -16.89 -1.65 -25.05
N ASN A 219 -17.65 -1.44 -23.99
CA ASN A 219 -17.23 -0.48 -22.99
C ASN A 219 -15.93 -0.90 -22.33
N ILE A 220 -15.18 0.07 -21.80
CA ILE A 220 -13.97 -0.24 -21.07
C ILE A 220 -14.52 -0.86 -19.81
N ASN A 221 -13.88 -1.89 -19.28
CA ASN A 221 -14.37 -2.51 -18.05
C ASN A 221 -13.70 -1.99 -16.78
N TRP A 222 -14.40 -1.12 -16.08
CA TRP A 222 -13.91 -0.51 -14.84
C TRP A 222 -13.60 -1.51 -13.71
N ASN A 223 -14.44 -2.54 -13.54
CA ASN A 223 -14.22 -3.51 -12.48
C ASN A 223 -12.92 -4.28 -12.71
N THR A 224 -12.62 -4.51 -13.98
CA THR A 224 -11.40 -5.23 -14.33
C THR A 224 -10.21 -4.33 -14.00
N TYR A 225 -10.38 -3.06 -14.30
CA TYR A 225 -9.36 -2.06 -14.05
C TYR A 225 -9.11 -2.01 -12.55
N ASN A 226 -10.20 -1.97 -11.79
CA ASN A 226 -10.10 -1.90 -10.34
C ASN A 226 -9.49 -3.16 -9.71
N THR A 227 -9.85 -4.33 -10.21
CA THR A 227 -9.33 -5.57 -9.66
C THR A 227 -7.81 -5.64 -9.85
N TYR A 228 -7.38 -5.35 -11.07
CA TYR A 228 -5.96 -5.37 -11.40
C TYR A 228 -5.16 -4.44 -10.48
N ARG A 229 -5.79 -3.32 -10.11
CA ARG A 229 -5.17 -2.31 -9.24
C ARG A 229 -5.05 -2.81 -7.80
N THR A 230 -6.12 -3.43 -7.32
CA THR A 230 -6.12 -3.95 -5.97
C THR A 230 -5.13 -5.10 -5.82
N LYS A 231 -5.09 -6.00 -6.78
CA LYS A 231 -4.18 -7.14 -6.72
C LYS A 231 -2.73 -6.71 -6.86
N MET A 232 -2.45 -5.84 -7.83
CA MET A 232 -1.09 -5.37 -8.07
C MET A 232 -0.59 -4.40 -6.99
N THR A 233 -1.49 -3.67 -6.36
CA THR A 233 -1.05 -2.76 -5.33
C THR A 233 -0.49 -3.59 -4.18
N THR A 234 -1.21 -4.63 -3.79
CA THR A 234 -0.78 -5.50 -2.69
C THR A 234 0.38 -6.41 -3.09
N ALA A 235 0.59 -6.59 -4.39
CA ALA A 235 1.67 -7.45 -4.85
C ALA A 235 2.93 -6.65 -5.19
N VAL A 236 2.78 -5.67 -6.07
CA VAL A 236 3.92 -4.87 -6.47
C VAL A 236 4.08 -3.53 -5.75
N LEU A 237 3.21 -2.57 -6.05
CA LEU A 237 3.31 -1.24 -5.45
C LEU A 237 3.63 -1.19 -3.96
N ASP A 238 2.98 -2.05 -3.15
CA ASP A 238 3.24 -2.05 -1.72
C ASP A 238 4.68 -2.44 -1.46
N LEU A 239 5.16 -3.41 -2.24
CA LEU A 239 6.53 -3.88 -2.10
C LEU A 239 7.50 -2.80 -2.62
N VAL A 240 7.16 -2.18 -3.74
CA VAL A 240 7.98 -1.13 -4.33
C VAL A 240 8.11 0.10 -3.44
N ALA A 241 7.07 0.39 -2.66
CA ALA A 241 7.09 1.56 -1.76
C ALA A 241 8.09 1.42 -0.60
N LEU A 242 8.49 0.18 -0.30
CA LEU A 242 9.43 -0.06 0.79
C LEU A 242 10.88 -0.13 0.32
N PHE A 243 11.08 -0.30 -0.99
CA PHE A 243 12.42 -0.42 -1.56
C PHE A 243 13.42 0.65 -1.11
N PRO A 244 12.95 1.91 -0.97
CA PRO A 244 13.87 2.97 -0.54
C PRO A 244 14.47 2.70 0.82
N ASN A 245 13.83 1.85 1.60
CA ASN A 245 14.34 1.53 2.92
C ASN A 245 15.59 0.68 2.80
N TYR A 246 15.78 0.06 1.64
CA TYR A 246 16.96 -0.77 1.42
C TYR A 246 18.20 0.10 1.20
N ASP A 247 18.00 1.41 1.06
CA ASP A 247 19.13 2.33 0.84
C ASP A 247 19.88 2.54 2.15
N VAL A 248 20.81 1.64 2.43
CA VAL A 248 21.61 1.69 3.63
C VAL A 248 22.18 3.08 3.88
N GLY A 249 22.36 3.84 2.82
CA GLY A 249 22.89 5.18 2.99
C GLY A 249 21.88 6.06 3.71
N LYS A 250 20.67 6.10 3.17
CA LYS A 250 19.57 6.90 3.72
C LYS A 250 19.05 6.42 5.08
N TYR A 251 18.91 5.10 5.24
CA TYR A 251 18.41 4.54 6.49
C TYR A 251 19.39 3.56 7.15
N PRO A 252 20.41 4.10 7.83
CA PRO A 252 21.50 3.41 8.54
C PRO A 252 21.09 2.46 9.65
N ILE A 253 20.20 2.94 10.52
CA ILE A 253 19.78 2.17 11.67
C ILE A 253 18.39 1.52 11.68
N GLY A 254 17.70 1.48 10.55
CA GLY A 254 16.38 0.87 10.55
C GLY A 254 15.30 1.90 10.32
N VAL A 255 14.11 1.45 9.92
CA VAL A 255 13.02 2.38 9.63
C VAL A 255 11.65 1.79 9.85
N GLN A 256 10.75 2.60 10.39
CA GLN A 256 9.38 2.17 10.59
C GLN A 256 8.57 2.96 9.57
N SER A 257 8.00 2.28 8.58
CA SER A 257 7.22 2.97 7.57
C SER A 257 5.82 2.37 7.47
N GLU A 258 4.94 3.03 6.72
CA GLU A 258 3.58 2.56 6.55
C GLU A 258 3.06 2.82 5.13
N LEU A 259 1.99 2.13 4.77
CA LEU A 259 1.38 2.27 3.45
C LEU A 259 0.02 2.93 3.66
N THR A 260 -0.17 4.14 3.13
CA THR A 260 -1.44 4.88 3.32
C THR A 260 -2.49 4.79 2.22
N ARG A 261 -2.11 4.24 1.07
CA ARG A 261 -3.05 4.09 -0.06
C ARG A 261 -4.31 3.27 0.24
N GLU A 262 -5.38 3.57 -0.50
CA GLU A 262 -6.64 2.82 -0.35
C GLU A 262 -6.82 1.89 -1.54
N ILE A 263 -7.53 0.79 -1.32
CA ILE A 263 -7.83 -0.14 -2.41
C ILE A 263 -9.31 -0.49 -2.23
N TYR A 264 -9.97 -0.85 -3.32
CA TYR A 264 -11.41 -1.13 -3.26
C TYR A 264 -11.84 -2.47 -3.80
N GLN A 265 -12.91 -3.00 -3.22
CA GLN A 265 -13.50 -4.26 -3.65
C GLN A 265 -14.93 -3.82 -3.97
N VAL A 266 -15.54 -4.38 -5.01
CA VAL A 266 -16.89 -3.93 -5.35
C VAL A 266 -18.03 -4.96 -5.31
N LEU A 267 -19.24 -4.46 -5.10
CA LEU A 267 -20.42 -5.30 -5.01
C LEU A 267 -21.50 -4.84 -6.00
N ASN A 268 -22.15 -5.83 -6.63
CA ASN A 268 -23.23 -5.62 -7.60
C ASN A 268 -22.83 -4.99 -8.93
N PHE A 269 -21.58 -5.20 -9.32
CA PHE A 269 -21.10 -4.64 -10.56
C PHE A 269 -21.79 -5.25 -11.78
N GLU A 270 -21.76 -6.58 -11.85
CA GLU A 270 -22.32 -7.29 -12.98
C GLU A 270 -23.83 -7.22 -13.13
N GLU A 271 -24.58 -7.14 -12.03
CA GLU A 271 -26.03 -7.09 -12.15
C GLU A 271 -26.63 -5.70 -12.12
N SER A 272 -25.77 -4.70 -12.32
CA SER A 272 -26.20 -3.31 -12.36
C SER A 272 -25.79 -2.75 -13.72
N PRO A 273 -26.51 -1.73 -14.21
CA PRO A 273 -26.22 -1.12 -15.52
C PRO A 273 -25.01 -0.19 -15.58
N TYR A 274 -24.64 0.37 -14.45
CA TYR A 274 -23.52 1.31 -14.39
C TYR A 274 -22.26 0.85 -15.13
N LYS A 275 -22.17 -0.44 -15.42
CA LYS A 275 -21.00 -0.95 -16.12
C LYS A 275 -20.99 -0.45 -17.56
N TYR A 276 -22.11 0.11 -18.02
CA TYR A 276 -22.22 0.59 -19.40
C TYR A 276 -21.95 2.09 -19.53
N TYR A 277 -21.77 2.75 -18.39
CA TYR A 277 -21.48 4.18 -18.36
C TYR A 277 -19.99 4.39 -18.56
N ASP A 278 -19.61 5.64 -18.74
CA ASP A 278 -18.23 6.03 -18.95
C ASP A 278 -17.31 5.54 -17.84
N PHE A 279 -16.08 5.20 -18.21
CA PHE A 279 -15.11 4.72 -17.24
C PHE A 279 -14.89 5.73 -16.12
N GLN A 280 -14.38 6.91 -16.49
CA GLN A 280 -14.09 7.95 -15.52
C GLN A 280 -15.27 8.28 -14.64
N TYR A 281 -16.47 8.08 -15.15
CA TYR A 281 -17.67 8.37 -14.36
C TYR A 281 -17.78 7.42 -13.19
N GLN A 282 -17.57 6.13 -13.45
CA GLN A 282 -17.63 5.11 -12.42
C GLN A 282 -16.49 5.36 -11.42
N GLU A 283 -15.29 5.66 -11.95
CA GLU A 283 -14.14 5.93 -11.12
C GLU A 283 -14.44 7.09 -10.16
N ASP A 284 -14.95 8.18 -10.70
CA ASP A 284 -15.27 9.34 -9.89
C ASP A 284 -16.24 9.01 -8.77
N SER A 285 -17.27 8.25 -9.08
CA SER A 285 -18.27 7.94 -8.06
C SER A 285 -18.09 6.70 -7.22
N LEU A 286 -17.10 5.87 -7.52
CA LEU A 286 -16.90 4.67 -6.70
C LEU A 286 -15.62 4.67 -5.86
N THR A 287 -14.75 5.63 -6.10
CA THR A 287 -13.49 5.72 -5.35
C THR A 287 -13.37 7.08 -4.69
N ARG A 288 -12.35 7.30 -3.88
CA ARG A 288 -12.20 8.59 -3.21
C ARG A 288 -11.08 9.43 -3.78
N ARG A 289 -11.32 10.72 -3.94
CA ARG A 289 -10.30 11.62 -4.47
C ARG A 289 -9.14 11.72 -3.49
N PRO A 290 -7.93 11.98 -3.99
CA PRO A 290 -6.79 12.08 -3.07
C PRO A 290 -7.18 12.87 -1.83
N HIS A 291 -6.88 12.34 -0.65
CA HIS A 291 -7.21 13.00 0.59
C HIS A 291 -6.19 12.69 1.67
N LEU A 292 -6.36 13.32 2.84
CA LEU A 292 -5.50 13.07 3.99
C LEU A 292 -6.03 11.78 4.60
N PHE A 293 -5.15 10.90 5.03
CA PHE A 293 -5.60 9.62 5.60
C PHE A 293 -6.76 9.80 6.58
N THR A 294 -7.79 8.96 6.45
CA THR A 294 -8.94 9.05 7.36
C THR A 294 -9.22 7.73 8.09
N TRP A 295 -9.77 7.83 9.30
CA TRP A 295 -10.13 6.66 10.08
C TRP A 295 -11.66 6.58 10.17
N LEU A 296 -12.20 5.39 9.98
CA LEU A 296 -13.64 5.19 10.00
C LEU A 296 -14.25 5.19 11.39
N ASP A 297 -14.97 6.26 11.74
CA ASP A 297 -15.62 6.34 13.05
C ASP A 297 -16.85 5.43 13.15
N SER A 298 -17.73 5.51 12.16
CA SER A 298 -18.94 4.68 12.16
C SER A 298 -19.60 4.54 10.79
N LEU A 299 -20.39 3.48 10.65
CA LEU A 299 -21.14 3.19 9.43
C LEU A 299 -22.62 3.43 9.76
N ASN A 300 -23.28 4.24 8.94
CA ASN A 300 -24.68 4.57 9.21
C ASN A 300 -25.60 4.22 8.04
N PHE A 301 -26.34 3.12 8.18
CA PHE A 301 -27.26 2.64 7.16
C PHE A 301 -28.73 2.84 7.55
N TYR A 302 -29.49 3.52 6.70
CA TYR A 302 -30.91 3.74 6.95
C TYR A 302 -31.73 2.57 6.41
N GLU A 303 -32.71 2.12 7.19
CA GLU A 303 -33.57 1.02 6.78
C GLU A 303 -34.97 1.59 6.55
N LYS A 304 -35.86 0.80 5.94
CA LYS A 304 -37.21 1.28 5.68
C LYS A 304 -38.08 1.19 6.94
N ALA A 305 -39.01 2.13 7.08
CA ALA A 305 -39.92 2.17 8.22
C ALA A 305 -40.74 0.90 8.38
N GLN A 306 -41.02 0.23 7.26
CA GLN A 306 -41.80 -1.00 7.30
C GLN A 306 -41.26 -1.95 8.35
N THR A 307 -42.00 -3.03 8.59
CA THR A 307 -41.61 -4.04 9.56
C THR A 307 -41.70 -5.41 8.92
N THR A 308 -42.47 -5.49 7.84
CA THR A 308 -42.66 -6.72 7.11
C THR A 308 -41.32 -7.16 6.52
N PRO A 309 -41.14 -8.48 6.32
CA PRO A 309 -39.90 -9.02 5.76
C PRO A 309 -39.42 -8.31 4.50
N ASN A 310 -38.18 -8.62 4.11
CA ASN A 310 -37.56 -8.05 2.91
C ASN A 310 -37.20 -6.57 3.03
N ASN A 311 -36.75 -6.17 4.21
CA ASN A 311 -36.35 -4.79 4.40
C ASN A 311 -34.88 -4.76 3.93
N PHE A 312 -34.40 -3.58 3.61
CA PHE A 312 -33.03 -3.44 3.18
C PHE A 312 -32.57 -2.03 3.47
N PHE A 313 -31.28 -1.78 3.35
CA PHE A 313 -30.78 -0.45 3.62
C PHE A 313 -30.96 0.46 2.43
N THR A 314 -31.82 1.44 2.65
CA THR A 314 -32.15 2.42 1.64
C THR A 314 -30.97 3.26 1.19
N SER A 315 -30.22 3.77 2.17
CA SER A 315 -29.07 4.63 1.90
C SER A 315 -28.07 4.54 3.05
N HIS A 316 -26.98 5.31 2.97
CA HIS A 316 -25.99 5.28 4.05
C HIS A 316 -25.01 6.44 3.98
N TYR A 317 -24.23 6.60 5.04
CA TYR A 317 -23.20 7.63 5.09
C TYR A 317 -22.11 7.20 6.07
N ASN A 318 -20.91 7.73 5.91
CA ASN A 318 -19.77 7.39 6.77
C ASN A 318 -19.41 8.54 7.69
N MET A 319 -18.92 8.21 8.88
CA MET A 319 -18.46 9.19 9.86
C MET A 319 -16.97 8.86 10.03
N PHE A 320 -16.11 9.85 9.86
CA PHE A 320 -14.67 9.62 9.95
C PHE A 320 -13.87 10.83 10.42
N HIS A 321 -12.59 10.62 10.71
CA HIS A 321 -11.75 11.70 11.16
C HIS A 321 -10.31 11.55 10.72
N TYR A 322 -9.63 12.68 10.60
CA TYR A 322 -8.21 12.72 10.22
C TYR A 322 -7.40 12.23 11.42
N THR A 323 -6.15 11.86 11.18
CA THR A 323 -5.30 11.36 12.25
C THR A 323 -5.19 12.32 13.42
N LEU A 324 -5.48 11.80 14.62
CA LEU A 324 -5.41 12.56 15.86
C LEU A 324 -6.24 13.84 15.90
N ASP A 325 -7.32 13.87 15.13
CA ASP A 325 -8.18 15.05 15.08
C ASP A 325 -9.45 14.73 15.89
N ASN A 326 -9.90 15.66 16.69
CA ASN A 326 -11.09 15.41 17.52
C ASN A 326 -12.39 15.82 16.88
N ILE A 327 -12.37 16.06 15.58
CA ILE A 327 -13.57 16.45 14.85
C ILE A 327 -13.89 15.29 13.92
N SER A 328 -15.12 14.81 13.97
CA SER A 328 -15.53 13.69 13.14
C SER A 328 -16.31 14.21 11.95
N GLN A 329 -15.77 14.03 10.75
CA GLN A 329 -16.41 14.49 9.51
C GLN A 329 -17.44 13.48 9.04
N LYS A 330 -18.40 13.95 8.25
CA LYS A 330 -19.45 13.07 7.74
C LYS A 330 -19.37 13.02 6.22
N SER A 331 -19.67 11.85 5.66
CA SER A 331 -19.62 11.71 4.21
C SER A 331 -20.95 12.05 3.58
N SER A 332 -21.06 11.81 2.28
CA SER A 332 -22.31 12.07 1.58
C SER A 332 -23.27 10.96 1.96
N VAL A 333 -24.55 11.17 1.71
CA VAL A 333 -25.51 10.13 2.01
C VAL A 333 -25.76 9.44 0.69
N PHE A 334 -25.05 8.35 0.44
CA PHE A 334 -25.24 7.61 -0.80
C PHE A 334 -26.60 6.91 -0.72
N GLY A 335 -27.07 6.39 -1.85
CA GLY A 335 -28.35 5.71 -1.87
C GLY A 335 -29.54 6.64 -2.07
N ASN A 336 -30.73 6.13 -1.80
CA ASN A 336 -31.94 6.92 -1.96
C ASN A 336 -32.63 7.06 -0.62
N HIS A 337 -32.11 7.98 0.19
CA HIS A 337 -32.62 8.23 1.54
C HIS A 337 -34.06 8.75 1.63
N ASN A 338 -34.96 7.91 2.13
CA ASN A 338 -36.35 8.33 2.31
C ASN A 338 -36.27 9.32 3.47
N VAL A 339 -37.39 9.90 3.85
CA VAL A 339 -37.40 10.86 4.97
C VAL A 339 -38.00 10.22 6.22
N THR A 340 -38.56 9.03 6.06
CA THR A 340 -39.18 8.30 7.16
C THR A 340 -38.48 6.99 7.49
N ASP A 341 -37.18 6.90 7.19
CA ASP A 341 -36.43 5.67 7.45
C ASP A 341 -35.65 5.69 8.76
N LYS A 342 -35.32 4.51 9.26
CA LYS A 342 -34.61 4.35 10.51
C LYS A 342 -33.10 4.21 10.37
N LEU A 343 -32.37 4.88 11.26
CA LEU A 343 -30.92 4.83 11.24
C LEU A 343 -30.39 3.68 12.09
N LYS A 344 -29.63 2.78 11.47
CA LYS A 344 -29.02 1.65 12.15
C LYS A 344 -27.53 1.92 12.05
N SER A 345 -26.96 2.42 13.14
CA SER A 345 -25.54 2.78 13.15
C SER A 345 -24.61 1.79 13.89
N LEU A 346 -23.37 1.72 13.44
CA LEU A 346 -22.32 0.88 14.05
C LEU A 346 -21.10 1.76 14.29
N GLY A 347 -20.84 2.07 15.56
CA GLY A 347 -19.71 2.91 15.90
C GLY A 347 -18.41 2.14 16.09
N LEU A 348 -17.31 2.87 16.21
CA LEU A 348 -16.00 2.28 16.38
C LEU A 348 -15.08 3.22 17.15
N ALA A 349 -14.48 2.74 18.24
CA ALA A 349 -13.57 3.56 19.02
C ALA A 349 -12.17 3.45 18.46
N THR A 350 -11.22 4.12 19.09
CA THR A 350 -9.85 4.06 18.60
C THR A 350 -9.28 2.67 18.84
N ASN A 351 -8.49 2.20 17.88
CA ASN A 351 -7.88 0.88 17.97
C ASN A 351 -8.91 -0.26 17.87
N ILE A 352 -10.03 0.05 17.20
CA ILE A 352 -11.11 -0.92 16.97
C ILE A 352 -11.39 -0.84 15.46
N TYR A 353 -10.98 -1.88 14.73
CA TYR A 353 -11.15 -1.90 13.29
C TYR A 353 -11.93 -3.06 12.70
N ILE A 354 -12.44 -2.84 11.49
CA ILE A 354 -13.17 -3.85 10.77
C ILE A 354 -12.15 -4.47 9.81
N PHE A 355 -11.87 -5.77 9.95
CA PHE A 355 -10.88 -6.42 9.11
C PHE A 355 -11.48 -7.46 8.17
N LEU A 356 -12.76 -7.73 8.34
CA LEU A 356 -13.46 -8.69 7.51
C LEU A 356 -14.95 -8.50 7.72
N LEU A 357 -15.74 -8.56 6.65
CA LEU A 357 -17.17 -8.45 6.84
C LEU A 357 -17.93 -9.33 5.89
N ASN A 358 -19.18 -9.58 6.25
CA ASN A 358 -20.06 -10.45 5.49
C ASN A 358 -21.26 -9.60 5.09
N VAL A 359 -21.60 -9.59 3.81
CA VAL A 359 -22.75 -8.81 3.39
C VAL A 359 -23.79 -9.64 2.66
N ILE A 360 -25.05 -9.39 2.99
CA ILE A 360 -26.19 -10.06 2.37
C ILE A 360 -26.99 -8.98 1.67
N SER A 361 -27.05 -9.05 0.35
CA SER A 361 -27.78 -8.07 -0.43
C SER A 361 -28.86 -8.77 -1.27
N LEU A 362 -29.82 -8.00 -1.75
CA LEU A 362 -30.89 -8.54 -2.57
C LEU A 362 -30.33 -8.90 -3.94
N ASP A 363 -30.80 -10.00 -4.51
CA ASP A 363 -30.33 -10.46 -5.81
C ASP A 363 -31.36 -10.19 -6.90
N ASN A 364 -31.26 -9.01 -7.51
CA ASN A 364 -32.17 -8.56 -8.55
C ASN A 364 -32.32 -9.47 -9.77
N LYS A 365 -31.53 -10.53 -9.85
CA LYS A 365 -31.63 -11.43 -11.00
C LYS A 365 -31.52 -10.63 -12.29
N TYR A 366 -30.48 -9.80 -12.39
CA TYR A 366 -30.23 -8.97 -13.56
C TYR A 366 -31.42 -8.14 -14.02
N LEU A 367 -32.31 -7.79 -13.11
CA LEU A 367 -33.48 -6.98 -13.46
C LEU A 367 -33.38 -5.60 -12.84
N ASN A 368 -34.22 -4.67 -13.31
CA ASN A 368 -34.20 -3.34 -12.74
C ASN A 368 -34.95 -3.40 -11.42
N ASP A 369 -34.33 -4.07 -10.46
CA ASP A 369 -34.90 -4.25 -9.13
C ASP A 369 -33.83 -4.07 -8.03
N TYR A 370 -34.26 -3.76 -6.82
CA TYR A 370 -33.32 -3.51 -5.72
C TYR A 370 -32.34 -4.65 -5.45
N ASN A 371 -31.05 -4.32 -5.33
CA ASN A 371 -30.03 -5.31 -5.02
C ASN A 371 -29.21 -4.80 -3.84
N ASN A 372 -29.86 -3.95 -3.04
CA ASN A 372 -29.29 -3.33 -1.85
C ASN A 372 -28.80 -4.29 -0.78
N ILE A 373 -28.05 -3.74 0.16
CA ILE A 373 -27.53 -4.50 1.30
C ILE A 373 -28.65 -4.50 2.35
N SER A 374 -28.98 -5.66 2.87
CA SER A 374 -30.02 -5.74 3.89
C SER A 374 -29.47 -6.26 5.21
N LYS A 375 -28.26 -6.80 5.18
CA LYS A 375 -27.64 -7.32 6.40
C LYS A 375 -26.11 -7.36 6.32
N MET A 376 -25.45 -7.08 7.43
CA MET A 376 -23.99 -7.10 7.46
C MET A 376 -23.38 -7.64 8.75
N ASP A 377 -22.37 -8.48 8.58
CA ASP A 377 -21.67 -9.08 9.70
C ASP A 377 -20.25 -8.57 9.69
N PHE A 378 -19.91 -7.72 10.64
CA PHE A 378 -18.57 -7.18 10.73
C PHE A 378 -17.70 -8.03 11.64
N PHE A 379 -16.44 -8.19 11.24
CA PHE A 379 -15.47 -8.92 12.03
C PHE A 379 -14.46 -7.88 12.46
N ILE A 380 -14.74 -7.32 13.63
CA ILE A 380 -13.97 -6.28 14.28
C ILE A 380 -12.80 -6.80 15.12
N THR A 381 -11.81 -5.95 15.34
CA THR A 381 -10.67 -6.31 16.16
C THR A 381 -10.34 -5.16 17.10
N ASN A 382 -10.02 -5.48 18.35
CA ASN A 382 -9.68 -4.44 19.31
C ASN A 382 -8.27 -4.63 19.82
N GLY A 383 -7.56 -5.60 19.26
CA GLY A 383 -6.20 -5.84 19.68
C GLY A 383 -6.04 -7.02 20.61
N THR A 384 -7.09 -7.42 21.33
CA THR A 384 -6.97 -8.55 22.24
C THR A 384 -7.93 -9.69 21.91
N ARG A 385 -8.98 -9.40 21.16
CA ARG A 385 -9.94 -10.44 20.80
C ARG A 385 -10.82 -10.09 19.61
N LEU A 386 -11.53 -11.09 19.10
CA LEU A 386 -12.43 -10.93 17.98
C LEU A 386 -13.81 -10.51 18.46
N LEU A 387 -14.33 -9.42 17.91
CA LEU A 387 -15.65 -8.92 18.27
C LEU A 387 -16.54 -8.92 17.05
N GLU A 388 -17.65 -9.65 17.10
CA GLU A 388 -18.57 -9.72 15.98
C GLU A 388 -19.75 -8.81 16.24
N LYS A 389 -20.03 -7.92 15.29
CA LYS A 389 -21.14 -7.00 15.42
C LYS A 389 -22.05 -7.20 14.22
N GLU A 390 -23.30 -6.81 14.36
CA GLU A 390 -24.25 -7.00 13.28
C GLU A 390 -24.98 -5.69 13.03
N LEU A 391 -25.47 -5.53 11.80
CA LEU A 391 -26.21 -4.35 11.39
C LEU A 391 -27.26 -4.90 10.42
N THR A 392 -28.53 -4.84 10.82
CA THR A 392 -29.60 -5.39 9.99
C THR A 392 -30.78 -4.48 9.69
N ALA A 393 -31.26 -4.54 8.45
CA ALA A 393 -32.40 -3.75 8.02
C ALA A 393 -33.65 -4.37 8.64
N GLY A 394 -34.33 -3.61 9.49
CA GLY A 394 -35.52 -4.09 10.15
C GLY A 394 -35.24 -5.36 10.93
N SER A 395 -35.80 -6.48 10.45
CA SER A 395 -35.64 -7.79 11.08
C SER A 395 -35.09 -8.78 10.04
N GLY A 396 -33.93 -9.36 10.33
CA GLY A 396 -33.29 -10.30 9.43
C GLY A 396 -34.16 -11.04 8.43
N GLN A 397 -35.44 -11.17 8.74
CA GLN A 397 -36.42 -11.85 7.90
C GLN A 397 -36.32 -11.44 6.42
N ILE A 398 -35.91 -12.37 5.58
CA ILE A 398 -35.77 -12.09 4.16
C ILE A 398 -36.36 -13.19 3.26
N THR A 399 -37.26 -12.80 2.37
CA THR A 399 -37.93 -13.71 1.46
C THR A 399 -37.24 -13.81 0.11
N TYR A 400 -37.03 -12.65 -0.52
CA TYR A 400 -36.39 -12.58 -1.83
C TYR A 400 -35.06 -13.32 -1.84
N ASP A 401 -34.60 -13.68 -3.04
CA ASP A 401 -33.33 -14.36 -3.18
C ASP A 401 -32.30 -13.31 -2.74
N VAL A 402 -31.19 -13.74 -2.18
CA VAL A 402 -30.16 -12.81 -1.72
C VAL A 402 -28.79 -13.29 -2.15
N ASN A 403 -27.81 -12.39 -2.12
CA ASN A 403 -26.44 -12.71 -2.46
C ASN A 403 -25.62 -12.62 -1.19
N LYS A 404 -24.59 -13.45 -1.09
CA LYS A 404 -23.71 -13.45 0.09
C LYS A 404 -22.28 -13.27 -0.42
N ASN A 405 -21.64 -12.21 0.05
CA ASN A 405 -20.27 -11.90 -0.37
C ASN A 405 -19.41 -11.53 0.81
N ILE A 406 -18.13 -11.86 0.72
CA ILE A 406 -17.19 -11.50 1.78
C ILE A 406 -16.16 -10.50 1.27
N PHE A 407 -15.90 -9.48 2.07
CA PHE A 407 -14.91 -8.47 1.70
C PHE A 407 -13.84 -8.34 2.78
N GLY A 408 -12.64 -7.97 2.36
CA GLY A 408 -11.51 -7.83 3.26
C GLY A 408 -10.29 -8.36 2.52
N LEU A 409 -9.11 -8.23 3.09
CA LEU A 409 -7.92 -8.73 2.42
C LEU A 409 -7.28 -9.91 3.14
N PRO A 410 -6.33 -10.57 2.48
CA PRO A 410 -5.66 -11.74 3.08
C PRO A 410 -4.90 -11.45 4.38
N ILE A 411 -4.45 -12.52 5.04
CA ILE A 411 -3.69 -12.41 6.28
C ILE A 411 -2.39 -11.63 6.03
N LEU A 412 -1.78 -11.15 7.10
CA LEU A 412 -0.56 -10.37 7.00
C LEU A 412 0.66 -11.15 7.46
N LYS A 413 0.41 -12.24 8.18
CA LYS A 413 1.50 -13.08 8.69
C LYS A 413 1.25 -14.55 8.39
N ARG A 414 2.30 -15.36 8.46
CA ARG A 414 2.16 -16.80 8.24
C ARG A 414 1.19 -17.30 9.29
N ARG A 415 0.19 -18.03 8.82
CA ARG A 415 -0.88 -18.53 9.67
C ARG A 415 -0.58 -19.37 10.92
N GLU A 416 -1.54 -19.34 11.84
CA GLU A 416 -1.51 -20.05 13.11
C GLU A 416 -2.79 -19.68 13.86
N GLU A 417 -3.13 -20.45 14.91
CA GLU A 417 -4.33 -20.17 15.70
C GLU A 417 -4.07 -20.39 17.20
N THR A 422 -15.94 -15.50 6.91
CA THR A 422 -14.93 -16.47 7.35
C THR A 422 -13.98 -16.79 6.19
N LEU A 423 -12.71 -16.42 6.34
CA LEU A 423 -11.71 -16.67 5.30
C LEU A 423 -10.25 -16.81 5.76
N PHE A 424 -9.66 -15.72 6.24
CA PHE A 424 -8.27 -15.78 6.68
C PHE A 424 -7.98 -14.88 7.87
N PRO A 425 -8.17 -13.57 7.73
CA PRO A 425 -7.92 -12.60 8.79
C PRO A 425 -8.52 -12.93 10.14
N THR A 426 -7.74 -12.63 11.18
CA THR A 426 -8.16 -12.82 12.55
C THR A 426 -7.90 -11.48 13.23
N TYR A 427 -8.34 -11.32 14.47
CA TYR A 427 -8.13 -10.05 15.17
C TYR A 427 -6.64 -9.75 15.35
N ASP A 428 -5.83 -10.81 15.40
CA ASP A 428 -4.40 -10.70 15.60
C ASP A 428 -3.59 -11.02 14.33
N ASN A 429 -4.26 -11.00 13.18
CA ASN A 429 -3.58 -11.27 11.92
C ASN A 429 -4.41 -10.79 10.74
N TYR A 430 -4.28 -9.50 10.41
CA TYR A 430 -5.02 -8.90 9.30
C TYR A 430 -4.15 -7.82 8.66
N SER A 431 -4.20 -7.72 7.34
CA SER A 431 -3.38 -6.74 6.61
C SER A 431 -4.09 -5.44 6.25
N HIS A 432 -5.42 -5.46 6.25
CA HIS A 432 -6.17 -4.26 5.90
C HIS A 432 -7.36 -4.07 6.83
N ILE A 433 -7.83 -2.83 6.93
CA ILE A 433 -8.99 -2.47 7.75
C ILE A 433 -9.95 -1.65 6.90
N LEU A 434 -11.24 -1.77 7.16
CA LEU A 434 -12.23 -1.01 6.39
C LEU A 434 -12.00 0.48 6.61
N SER A 435 -12.14 1.29 5.56
CA SER A 435 -11.92 2.71 5.73
C SER A 435 -13.05 3.58 5.21
N PHE A 436 -13.91 3.02 4.37
CA PHE A 436 -14.99 3.78 3.77
C PHE A 436 -15.88 2.90 2.90
N ILE A 437 -17.12 3.33 2.68
CA ILE A 437 -18.06 2.59 1.82
C ILE A 437 -18.82 3.58 0.93
N LYS A 438 -18.48 3.64 -0.36
CA LYS A 438 -19.14 4.53 -1.30
C LYS A 438 -20.20 3.77 -2.05
N SER A 439 -21.05 4.47 -2.78
CA SER A 439 -22.11 3.82 -3.52
C SER A 439 -22.52 4.62 -4.76
N LEU A 440 -22.76 3.93 -5.87
CA LEU A 440 -23.21 4.57 -7.10
C LEU A 440 -24.65 4.13 -7.33
N SER A 441 -25.55 5.10 -7.41
CA SER A 441 -26.96 4.81 -7.62
C SER A 441 -27.67 6.07 -8.07
N ILE A 442 -28.51 5.91 -9.08
CA ILE A 442 -29.27 7.01 -9.63
C ILE A 442 -30.71 6.61 -9.40
N PRO A 443 -31.26 6.93 -8.22
CA PRO A 443 -32.65 6.59 -7.85
C PRO A 443 -33.67 7.07 -8.86
N ALA A 444 -33.47 8.28 -9.36
CA ALA A 444 -34.39 8.83 -10.34
C ALA A 444 -34.63 7.90 -11.53
N THR A 445 -33.86 6.83 -11.63
CA THR A 445 -33.99 5.94 -12.78
C THR A 445 -33.87 4.45 -12.47
N TYR A 446 -32.91 4.08 -11.64
CA TYR A 446 -32.69 2.69 -11.32
C TYR A 446 -32.94 2.30 -9.87
N LYS A 447 -33.07 1.00 -9.67
CA LYS A 447 -33.29 0.43 -8.34
C LYS A 447 -32.00 -0.26 -7.90
N THR A 448 -31.08 -0.44 -8.84
CA THR A 448 -29.81 -1.08 -8.56
C THR A 448 -28.84 -0.08 -7.99
N GLN A 449 -27.87 -0.60 -7.24
CA GLN A 449 -26.84 0.22 -6.60
C GLN A 449 -25.58 -0.62 -6.48
N VAL A 450 -24.44 -0.03 -6.81
CA VAL A 450 -23.14 -0.72 -6.74
C VAL A 450 -22.31 -0.12 -5.59
N TYR A 451 -21.77 -0.98 -4.74
CA TYR A 451 -20.98 -0.50 -3.63
C TYR A 451 -19.50 -0.83 -3.81
N THR A 452 -18.67 -0.13 -3.06
CA THR A 452 -17.23 -0.38 -3.06
C THR A 452 -16.82 -0.26 -1.61
N PHE A 453 -15.94 -1.15 -1.18
CA PHE A 453 -15.46 -1.13 0.19
C PHE A 453 -14.00 -0.73 0.15
N ALA A 454 -13.69 0.40 0.78
CA ALA A 454 -12.33 0.93 0.83
C ALA A 454 -11.54 0.23 1.93
N TRP A 455 -10.28 -0.05 1.65
CA TRP A 455 -9.41 -0.71 2.61
C TRP A 455 -8.05 -0.05 2.67
N THR A 456 -7.60 0.27 3.88
CA THR A 456 -6.29 0.88 4.05
C THR A 456 -5.37 -0.15 4.71
N HIS A 457 -4.06 0.00 4.54
CA HIS A 457 -3.13 -0.96 5.12
C HIS A 457 -3.06 -0.85 6.65
N SER A 458 -3.16 -1.99 7.34
CA SER A 458 -3.13 -1.99 8.80
C SER A 458 -1.77 -1.64 9.41
N SER A 459 -0.86 -1.15 8.58
CA SER A 459 0.45 -0.77 9.08
C SER A 459 0.45 0.71 9.45
N VAL A 460 -0.65 1.39 9.10
CA VAL A 460 -0.78 2.81 9.39
C VAL A 460 -1.09 3.05 10.87
N ASP A 461 -0.44 4.03 11.47
CA ASP A 461 -0.62 4.32 12.88
C ASP A 461 -1.62 5.45 13.16
N PRO A 462 -2.54 5.26 14.11
CA PRO A 462 -3.54 6.27 14.46
C PRO A 462 -2.96 7.34 15.38
N LYS A 463 -1.78 7.07 15.92
CA LYS A 463 -1.15 7.99 16.85
C LYS A 463 0.10 8.68 16.31
N ASN A 464 0.44 8.42 15.05
CA ASN A 464 1.62 9.04 14.44
C ASN A 464 2.82 8.95 15.37
N THR A 465 2.99 7.83 16.07
CA THR A 465 4.10 7.77 17.00
C THR A 465 5.47 7.95 16.37
N ILE A 466 6.34 8.58 17.15
CA ILE A 466 7.71 8.86 16.76
C ILE A 466 8.53 7.98 17.68
N TYR A 467 9.28 7.05 17.09
CA TYR A 467 10.11 6.17 17.88
C TYR A 467 11.47 6.78 18.15
N THR A 468 12.19 6.22 19.11
CA THR A 468 13.50 6.72 19.50
C THR A 468 14.69 5.84 19.13
N HIS A 469 14.42 4.60 18.73
CA HIS A 469 15.49 3.65 18.40
C HIS A 469 15.65 3.37 16.91
N LEU A 470 15.10 4.23 16.07
CA LEU A 470 15.22 4.05 14.63
C LEU A 470 14.55 5.21 13.91
N THR A 471 14.73 5.29 12.60
CA THR A 471 14.13 6.36 11.83
C THR A 471 12.65 6.13 11.66
N THR A 472 11.87 7.14 12.01
CA THR A 472 10.43 7.07 11.88
C THR A 472 10.04 7.79 10.60
N GLN A 473 9.24 7.12 9.79
CA GLN A 473 8.79 7.67 8.53
C GLN A 473 7.30 7.97 8.66
N ILE A 474 6.93 9.25 8.63
CA ILE A 474 5.53 9.65 8.73
C ILE A 474 5.04 10.33 7.45
N PRO A 475 4.25 9.61 6.64
CA PRO A 475 3.72 10.14 5.38
C PRO A 475 3.03 11.49 5.63
N ALA A 476 3.21 12.43 4.71
CA ALA A 476 2.60 13.76 4.87
C ALA A 476 1.07 13.71 4.87
N VAL A 477 0.49 12.67 4.28
CA VAL A 477 -0.96 12.57 4.26
C VAL A 477 -1.52 12.13 5.61
N LYS A 478 -0.65 11.83 6.58
CA LYS A 478 -1.10 11.42 7.91
C LYS A 478 -1.39 12.68 8.74
N ALA A 479 -1.40 13.82 8.07
CA ALA A 479 -1.67 15.09 8.72
C ALA A 479 -3.17 15.25 8.91
N ASN A 480 -3.58 16.22 9.73
CA ASN A 480 -5.01 16.45 9.98
C ASN A 480 -5.50 17.86 9.63
N SER A 481 -4.62 18.66 9.02
CA SER A 481 -5.00 20.01 8.63
C SER A 481 -4.31 20.41 7.32
N LEU A 482 -5.09 20.88 6.37
CA LEU A 482 -4.55 21.26 5.07
C LEU A 482 -5.00 22.63 4.61
N GLY A 483 -4.04 23.52 4.35
CA GLY A 483 -4.37 24.85 3.90
C GLY A 483 -5.24 24.87 2.64
N THR A 484 -5.88 26.00 2.37
CA THR A 484 -6.74 26.13 1.21
C THR A 484 -6.01 26.14 -0.13
N ALA A 485 -4.83 26.73 -0.15
CA ALA A 485 -4.06 26.78 -1.40
C ALA A 485 -3.45 25.43 -1.76
N SER A 486 -3.27 24.58 -0.75
CA SER A 486 -2.68 23.26 -0.95
C SER A 486 -3.69 22.17 -1.28
N LYS A 487 -3.21 21.02 -1.72
CA LYS A 487 -4.09 19.92 -2.06
C LYS A 487 -3.37 18.58 -2.04
N VAL A 488 -4.12 17.50 -1.93
CA VAL A 488 -3.53 16.17 -1.93
C VAL A 488 -3.59 15.63 -3.36
N VAL A 489 -2.43 15.29 -3.92
CA VAL A 489 -2.42 14.76 -5.27
C VAL A 489 -2.08 13.29 -5.27
N GLN A 490 -2.57 12.61 -6.30
CA GLN A 490 -2.35 11.20 -6.51
C GLN A 490 -0.85 10.88 -6.49
N GLY A 491 -0.48 9.80 -5.80
CA GLY A 491 0.92 9.42 -5.75
C GLY A 491 1.36 8.90 -7.11
N PRO A 492 2.66 8.89 -7.40
CA PRO A 492 3.18 8.40 -8.68
C PRO A 492 3.13 6.88 -8.84
N GLY A 493 2.97 6.17 -7.73
CA GLY A 493 2.89 4.74 -7.82
C GLY A 493 3.88 4.02 -6.95
N HIS A 494 4.97 4.70 -6.60
CA HIS A 494 6.01 4.07 -5.79
C HIS A 494 6.23 4.65 -4.39
N THR A 495 5.39 5.58 -3.96
CA THR A 495 5.56 6.17 -2.64
C THR A 495 4.66 5.49 -1.60
N GLY A 496 3.81 4.59 -2.06
CA GLY A 496 2.93 3.90 -1.13
C GLY A 496 1.64 4.63 -0.84
N GLY A 497 1.48 5.82 -1.41
CA GLY A 497 0.27 6.60 -1.19
C GLY A 497 0.37 7.97 -1.81
N ASP A 498 -0.60 8.83 -1.52
CA ASP A 498 -0.62 10.18 -2.09
C ASP A 498 0.36 11.16 -1.45
N LEU A 499 0.47 12.34 -2.07
CA LEU A 499 1.37 13.39 -1.60
C LEU A 499 0.65 14.73 -1.43
N ILE A 500 1.26 15.63 -0.68
CA ILE A 500 0.72 16.97 -0.45
C ILE A 500 1.32 17.97 -1.41
N ASP A 501 0.47 18.76 -2.06
CA ASP A 501 0.90 19.82 -2.98
C ASP A 501 0.99 21.05 -2.07
N PHE A 502 2.11 21.16 -1.38
CA PHE A 502 2.36 22.23 -0.42
C PHE A 502 2.38 23.64 -1.01
N LYS A 503 1.28 24.37 -0.81
CA LYS A 503 1.17 25.74 -1.31
C LYS A 503 1.27 26.78 -0.17
N ASP A 504 0.57 26.52 0.93
CA ASP A 504 0.58 27.42 2.08
C ASP A 504 1.05 26.79 3.37
N HIS A 505 0.16 26.05 4.02
CA HIS A 505 0.47 25.39 5.27
C HIS A 505 -0.28 24.07 5.40
N PHE A 506 0.14 23.26 6.37
CA PHE A 506 -0.49 21.98 6.67
C PHE A 506 0.10 21.50 7.97
N LYS A 507 -0.71 20.86 8.81
CA LYS A 507 -0.22 20.38 10.10
C LYS A 507 -0.50 18.91 10.41
N ILE A 508 0.53 18.20 10.81
CA ILE A 508 0.38 16.81 11.17
C ILE A 508 0.68 16.76 12.67
N THR A 509 -0.11 15.97 13.40
CA THR A 509 0.07 15.84 14.85
C THR A 509 0.71 14.49 15.20
N CYS A 510 1.75 14.52 16.03
CA CYS A 510 2.44 13.29 16.41
C CYS A 510 2.47 13.08 17.91
N GLN A 511 2.54 11.82 18.31
CA GLN A 511 2.59 11.47 19.72
C GLN A 511 3.95 10.79 19.92
N HIS A 512 4.77 11.34 20.79
CA HIS A 512 6.09 10.79 21.02
C HIS A 512 6.01 9.50 21.84
N SER A 513 7.09 8.70 21.81
CA SER A 513 7.15 7.46 22.57
C SER A 513 7.27 7.79 24.06
N ASN A 514 7.29 6.75 24.89
CA ASN A 514 7.39 6.97 26.32
C ASN A 514 8.84 7.10 26.77
N PHE A 515 9.61 7.87 26.00
CA PHE A 515 11.01 8.12 26.31
C PHE A 515 11.40 9.55 25.99
N GLN A 516 12.69 9.84 26.15
CA GLN A 516 13.21 11.16 25.85
C GLN A 516 14.20 11.04 24.70
N GLN A 517 14.12 11.95 23.74
CA GLN A 517 15.01 11.89 22.59
C GLN A 517 15.19 13.21 21.87
N SER A 518 16.29 13.30 21.13
CA SER A 518 16.60 14.46 20.31
C SER A 518 16.57 13.92 18.88
N TYR A 519 16.19 14.78 17.93
CA TYR A 519 16.12 14.32 16.55
C TYR A 519 16.55 15.40 15.57
N PHE A 520 16.43 15.04 14.31
CA PHE A 520 16.65 15.93 13.19
C PHE A 520 15.42 15.54 12.39
N ILE A 521 14.62 16.49 11.96
CA ILE A 521 13.48 16.08 11.16
C ILE A 521 13.93 16.28 9.70
N ARG A 522 13.73 15.23 8.89
CA ARG A 522 14.15 15.21 7.48
C ARG A 522 12.93 15.06 6.57
N ILE A 523 12.95 15.70 5.40
CA ILE A 523 11.82 15.65 4.48
C ILE A 523 12.12 15.01 3.12
N ARG A 524 11.21 14.15 2.65
CA ARG A 524 11.35 13.50 1.34
C ARG A 524 10.32 14.18 0.46
N TYR A 525 10.79 15.03 -0.45
CA TYR A 525 9.90 15.81 -1.31
C TYR A 525 10.33 15.79 -2.76
N ALA A 526 9.50 16.41 -3.60
CA ALA A 526 9.74 16.56 -5.02
C ALA A 526 9.51 18.04 -5.29
N SER A 527 10.14 18.58 -6.32
CA SER A 527 9.97 20.00 -6.61
C SER A 527 10.60 20.41 -7.92
N ASN A 528 9.86 21.20 -8.70
CA ASN A 528 10.41 21.68 -9.95
C ASN A 528 11.01 23.06 -9.64
N GLY A 529 10.73 24.06 -10.46
CA GLY A 529 11.28 25.38 -10.23
C GLY A 529 12.77 25.44 -10.54
N SER A 530 13.44 26.51 -10.13
CA SER A 530 14.87 26.63 -10.40
C SER A 530 15.62 27.16 -9.18
N ALA A 531 16.94 27.15 -9.29
CA ALA A 531 17.81 27.63 -8.21
C ALA A 531 17.46 29.04 -7.71
N ASN A 532 16.89 29.87 -8.59
CA ASN A 532 16.55 31.24 -8.20
C ASN A 532 15.13 31.37 -7.71
N THR A 533 14.38 30.26 -7.78
CA THR A 533 12.99 30.25 -7.35
C THR A 533 12.69 29.10 -6.38
N ARG A 534 13.59 28.89 -5.42
CA ARG A 534 13.42 27.82 -4.45
C ARG A 534 12.29 28.13 -3.47
N ALA A 535 11.50 27.11 -3.17
CA ALA A 535 10.41 27.27 -2.22
C ALA A 535 11.08 27.22 -0.85
N VAL A 536 10.52 27.94 0.11
CA VAL A 536 11.07 27.95 1.46
C VAL A 536 10.04 27.35 2.39
N ILE A 537 10.48 26.49 3.30
CA ILE A 537 9.57 25.84 4.24
C ILE A 537 9.89 26.09 5.72
N ASN A 538 8.90 26.57 6.45
CA ASN A 538 9.07 26.84 7.86
C ASN A 538 8.24 25.88 8.69
N LEU A 539 8.93 25.21 9.61
CA LEU A 539 8.35 24.22 10.50
C LEU A 539 8.25 24.82 11.90
N SER A 540 7.03 24.97 12.41
CA SER A 540 6.87 25.51 13.75
C SER A 540 6.37 24.42 14.68
N ILE A 541 7.19 24.07 15.66
CA ILE A 541 6.81 23.09 16.64
C ILE A 541 6.64 23.86 17.95
N PRO A 542 5.40 24.27 18.24
CA PRO A 542 5.06 25.02 19.45
C PRO A 542 5.69 24.40 20.69
N GLY A 543 6.42 25.21 21.43
CA GLY A 543 7.06 24.73 22.64
C GLY A 543 8.32 23.92 22.42
N VAL A 544 8.71 23.68 21.17
CA VAL A 544 9.91 22.88 20.91
C VAL A 544 10.99 23.54 20.02
N ALA A 545 10.66 23.87 18.79
CA ALA A 545 11.66 24.48 17.92
C ALA A 545 11.06 25.27 16.76
N GLU A 546 11.94 25.87 15.97
CA GLU A 546 11.53 26.65 14.81
C GLU A 546 12.52 26.34 13.69
N LEU A 547 12.18 25.39 12.84
CA LEU A 547 13.06 25.01 11.74
C LEU A 547 12.64 25.62 10.42
N GLY A 548 13.62 25.87 9.55
CA GLY A 548 13.33 26.44 8.25
C GLY A 548 14.42 26.10 7.27
N MET A 549 14.08 26.01 6.00
CA MET A 549 15.06 25.70 4.97
C MET A 549 14.53 25.90 3.55
N ALA A 550 15.45 26.01 2.59
CA ALA A 550 15.11 26.18 1.19
C ALA A 550 15.17 24.82 0.51
N LEU A 551 14.18 24.53 -0.32
CA LEU A 551 14.13 23.27 -1.03
C LEU A 551 14.81 23.45 -2.40
N ASN A 552 15.32 22.36 -2.96
CA ASN A 552 16.00 22.41 -4.25
C ASN A 552 15.16 21.81 -5.35
N PRO A 553 15.41 22.20 -6.61
CA PRO A 553 14.64 21.63 -7.72
C PRO A 553 15.04 20.16 -7.78
N THR A 554 14.13 19.29 -8.19
CA THR A 554 14.46 17.87 -8.24
C THR A 554 13.99 17.25 -9.55
N PHE A 555 13.06 17.92 -10.21
CA PHE A 555 12.56 17.42 -11.49
C PHE A 555 12.13 18.62 -12.32
N SER A 556 11.73 18.35 -13.56
CA SER A 556 11.30 19.41 -14.45
C SER A 556 10.02 19.00 -15.18
N GLY A 557 9.16 19.97 -15.44
CA GLY A 557 7.91 19.67 -16.09
C GLY A 557 6.81 19.91 -15.08
N THR A 558 5.60 19.48 -15.41
CA THR A 558 4.47 19.66 -14.50
C THR A 558 3.74 18.35 -14.29
N ASP A 559 4.20 17.29 -14.96
CA ASP A 559 3.54 16.01 -14.80
C ASP A 559 4.05 15.34 -13.53
N TYR A 560 3.31 15.54 -12.45
CA TYR A 560 3.67 15.00 -11.15
C TYR A 560 3.20 13.57 -11.02
N THR A 561 2.18 13.22 -11.79
CA THR A 561 1.62 11.86 -11.73
C THR A 561 2.64 10.79 -12.07
N ASN A 562 3.53 11.08 -13.00
CA ASN A 562 4.52 10.09 -13.36
C ASN A 562 5.96 10.46 -12.98
N LEU A 563 6.12 10.99 -11.77
CA LEU A 563 7.45 11.34 -11.27
C LEU A 563 8.25 10.05 -11.10
N LYS A 564 9.54 10.12 -11.36
CA LYS A 564 10.39 8.94 -11.23
C LYS A 564 10.99 8.89 -9.84
N TYR A 565 11.63 7.77 -9.54
CA TYR A 565 12.26 7.56 -8.25
C TYR A 565 13.30 8.64 -7.99
N LYS A 566 14.11 8.95 -8.99
CA LYS A 566 15.15 9.94 -8.84
C LYS A 566 14.60 11.35 -8.61
N ASP A 567 13.30 11.53 -8.89
CA ASP A 567 12.64 12.82 -8.74
C ASP A 567 12.40 13.23 -7.30
N PHE A 568 12.42 12.26 -6.38
CA PHE A 568 12.25 12.58 -4.97
C PHE A 568 13.61 12.59 -4.29
N GLN A 569 13.86 13.63 -3.49
CA GLN A 569 15.13 13.75 -2.78
C GLN A 569 14.94 14.02 -1.29
N TYR A 570 16.05 14.10 -0.56
CA TYR A 570 15.99 14.30 0.88
C TYR A 570 16.68 15.54 1.41
N LEU A 571 15.94 16.34 2.18
CA LEU A 571 16.52 17.53 2.82
C LEU A 571 16.24 17.40 4.30
N GLU A 572 17.17 17.93 5.11
CA GLU A 572 17.06 17.86 6.56
C GLU A 572 17.24 19.23 7.18
N PHE A 573 16.43 19.55 8.18
CA PHE A 573 16.56 20.83 8.84
C PHE A 573 17.79 20.80 9.73
N SER A 574 18.44 21.94 9.92
CA SER A 574 19.65 22.02 10.72
C SER A 574 19.42 21.86 12.21
N ASN A 575 18.71 22.79 12.82
CA ASN A 575 18.44 22.72 14.26
C ASN A 575 17.75 21.43 14.68
N GLU A 576 18.09 20.94 15.87
CA GLU A 576 17.50 19.71 16.38
C GLU A 576 16.37 19.96 17.37
N VAL A 577 15.56 18.94 17.57
CA VAL A 577 14.43 19.03 18.48
C VAL A 577 14.49 17.91 19.52
N LYS A 578 13.88 18.14 20.67
CA LYS A 578 13.86 17.15 21.73
C LYS A 578 12.41 17.04 22.22
N PHE A 579 11.94 15.79 22.30
CA PHE A 579 10.58 15.52 22.76
C PHE A 579 10.60 14.75 24.07
N ALA A 580 9.66 15.08 24.96
CA ALA A 580 9.55 14.39 26.23
C ALA A 580 8.66 13.18 26.02
N PRO A 581 8.63 12.27 26.99
CA PRO A 581 7.80 11.06 26.91
C PRO A 581 6.34 11.33 26.68
N ASN A 582 5.77 10.65 25.69
CA ASN A 582 4.34 10.79 25.37
C ASN A 582 3.89 12.21 25.10
N GLN A 583 4.80 13.06 24.64
CA GLN A 583 4.46 14.44 24.36
C GLN A 583 3.66 14.58 23.08
N ASN A 584 2.52 15.27 23.15
CA ASN A 584 1.71 15.48 21.96
C ASN A 584 2.41 16.60 21.17
N ILE A 585 2.69 16.33 19.90
CA ILE A 585 3.42 17.29 19.09
C ILE A 585 2.63 17.83 17.92
N SER A 586 2.74 19.13 17.69
CA SER A 586 2.07 19.79 16.56
C SER A 586 3.14 20.14 15.54
N LEU A 587 2.98 19.63 14.33
CA LEU A 587 3.94 19.88 13.27
C LEU A 587 3.28 20.79 12.23
N VAL A 588 3.45 22.10 12.42
CA VAL A 588 2.87 23.06 11.51
C VAL A 588 3.87 23.47 10.44
N PHE A 589 3.55 23.11 9.19
CA PHE A 589 4.40 23.44 8.06
C PHE A 589 3.83 24.63 7.30
N ASN A 590 4.69 25.61 7.03
CA ASN A 590 4.30 26.80 6.27
C ASN A 590 5.26 27.03 5.12
N ARG A 591 4.74 27.62 4.05
CA ARG A 591 5.54 27.96 2.89
C ARG A 591 5.53 29.48 2.83
N SER A 592 6.71 30.10 2.81
CA SER A 592 6.78 31.56 2.79
C SER A 592 7.26 32.20 1.49
N ASP A 593 7.95 31.42 0.66
CA ASP A 593 8.46 31.94 -0.60
C ASP A 593 7.34 32.52 -1.47
N VAL A 594 7.72 33.31 -2.46
CA VAL A 594 6.76 33.93 -3.36
C VAL A 594 6.55 33.13 -4.64
N TYR A 595 7.52 32.28 -4.96
CA TYR A 595 7.50 31.49 -6.18
C TYR A 595 6.32 30.52 -6.32
N THR A 596 5.13 31.07 -6.43
CA THR A 596 3.89 30.30 -6.56
C THR A 596 3.93 29.23 -7.65
N ASN A 597 4.69 29.48 -8.71
CA ASN A 597 4.76 28.51 -9.79
C ASN A 597 5.68 27.32 -9.50
N THR A 598 6.49 27.43 -8.45
CA THR A 598 7.37 26.33 -8.09
C THR A 598 6.59 25.30 -7.27
N THR A 599 6.23 24.19 -7.93
CA THR A 599 5.48 23.11 -7.29
C THR A 599 6.35 22.28 -6.37
N VAL A 600 5.84 22.03 -5.17
CA VAL A 600 6.56 21.21 -4.18
C VAL A 600 5.64 20.08 -3.74
N LEU A 601 6.11 18.85 -3.86
CA LEU A 601 5.31 17.71 -3.45
C LEU A 601 5.91 17.06 -2.21
N ILE A 602 5.19 17.14 -1.10
CA ILE A 602 5.66 16.56 0.15
C ILE A 602 5.25 15.10 0.28
N ASP A 603 6.24 14.23 0.42
CA ASP A 603 5.99 12.80 0.56
C ASP A 603 6.05 12.29 2.00
N LYS A 604 7.26 12.24 2.57
CA LYS A 604 7.44 11.74 3.92
C LYS A 604 8.13 12.73 4.87
N ILE A 605 7.74 12.69 6.13
CA ILE A 605 8.34 13.53 7.17
C ILE A 605 9.13 12.51 7.98
N GLU A 606 10.43 12.71 8.11
CA GLU A 606 11.22 11.73 8.84
C GLU A 606 11.90 12.25 10.09
N PHE A 607 11.91 11.41 11.12
CA PHE A 607 12.55 11.78 12.36
C PHE A 607 13.77 10.89 12.56
N LEU A 608 14.94 11.51 12.65
CA LEU A 608 16.17 10.76 12.85
C LEU A 608 16.65 10.89 14.30
N PRO A 609 16.65 9.77 15.05
CA PRO A 609 17.11 9.81 16.44
C PRO A 609 18.58 10.23 16.47
N ILE A 610 18.94 11.13 17.38
CA ILE A 610 20.34 11.55 17.48
C ILE A 610 21.08 10.73 18.55
N THR A 611 20.46 10.59 19.71
CA THR A 611 21.04 9.85 20.83
C THR A 611 20.61 8.37 20.85
N ARG A 612 21.57 7.48 20.67
CA ARG A 612 21.28 6.05 20.67
C ARG A 612 20.99 5.57 22.10
#